data_8PGP
#
_entry.id   8PGP
#
_cell.length_a   39.260
_cell.length_b   67.470
_cell.length_c   40.090
_cell.angle_alpha   90.000
_cell.angle_beta   93.660
_cell.angle_gamma   90.000
#
_symmetry.space_group_name_H-M   'P 1 21 1'
#
loop_
_entity.id
_entity.type
_entity.pdbx_description
1 polymer 'Beta-lactamase VIM-1'
2 non-polymer 'ZINC ION'
3 non-polymer '7-[(1~{S})-1-[5-[(3-azanylazetidin-1-yl)methyl]-2-oxidanylidene-1,3-oxazolidin-3-yl]ethyl]-3-[3-cyano-4-(methylsulfonylamino)phenyl]-1~{H}-indole-2-carboxylic acid'
4 water water
#
_entity_poly.entity_id   1
_entity_poly.type   'polypeptide(L)'
_entity_poly.pdbx_seq_one_letter_code
;MLKVISSLLVYMTASVMAVASPLAHSGEPSGEYPTVNEIPVGEVRLYQIADGVWSHIATQSFDGAVYPSNGLIVRDGDEL
LLIDTAWGAKNTAALLAEIEKQIGLPVTRAVSTHFHDDRVGGVDVLRAAGVATYASPSTRRLAEAEGNEIPTHSLEGLSS
SGDAVRFGPVELFYPGAAHSTDNLVVYVPSANVLYGGCAVHELSSTSAGNVADADLAEWPTSVERIQKHYPEAEVVIPGH
GLPGGLDLLQHTANVVKAHKNRSVAE
;
_entity_poly.pdbx_strand_id   A
#
loop_
_chem_comp.id
_chem_comp.type
_chem_comp.name
_chem_comp.formula
YSR non-polymer '7-[(1~{S})-1-[5-[(3-azanylazetidin-1-yl)methyl]-2-oxidanylidene-1,3-oxazolidin-3-yl]ethyl]-3-[3-cyano-4-(methylsulfonylamino)phenyl]-1~{H}-indole-2-carboxylic acid' 'C26 H28 N6 O6 S'
ZN non-polymer 'ZINC ION' 'Zn 2'
#
# COMPACT_ATOMS: atom_id res chain seq x y z
N SER A 30 22.05 -1.77 2.54
CA SER A 30 22.75 -2.56 3.55
C SER A 30 21.98 -2.63 4.88
N GLY A 31 20.66 -2.76 4.80
CA GLY A 31 19.84 -3.00 5.97
C GLY A 31 18.87 -1.89 6.33
N GLU A 32 19.15 -0.66 5.93
CA GLU A 32 18.26 0.45 6.20
C GLU A 32 17.08 0.40 5.25
N TYR A 33 16.00 1.08 5.61
CA TYR A 33 14.83 1.07 4.74
C TYR A 33 15.20 1.83 3.48
N PRO A 34 14.97 1.28 2.29
CA PRO A 34 15.47 1.96 1.11
C PRO A 34 14.63 3.16 0.73
N THR A 35 15.32 4.21 0.23
N THR A 35 15.32 3.95 -0.04
CA THR A 35 14.73 5.52 -0.03
CA THR A 35 14.80 5.10 -0.67
C THR A 35 14.78 5.90 -1.52
C THR A 35 15.15 4.99 -2.13
N VAL A 36 14.12 7.01 -1.92
N VAL A 36 14.65 5.95 -2.88
CA VAL A 36 13.84 7.25 -3.35
CA VAL A 36 14.94 6.07 -4.29
C VAL A 36 15.11 7.30 -4.16
C VAL A 36 16.43 6.00 -4.57
N ASN A 37 16.12 8.03 -3.70
N ASN A 37 17.26 6.43 -3.61
CA ASN A 37 17.32 8.15 -4.52
CA ASN A 37 18.69 6.50 -3.87
C ASN A 37 18.18 6.90 -4.47
C ASN A 37 19.41 5.16 -3.75
N GLU A 38 17.78 5.90 -3.69
N GLU A 38 18.74 4.11 -3.28
CA GLU A 38 18.51 4.65 -3.62
CA GLU A 38 19.38 2.80 -3.13
C GLU A 38 17.95 3.57 -4.53
C GLU A 38 18.67 1.70 -3.91
N ILE A 39 16.81 3.81 -5.16
N ILE A 39 17.76 2.07 -4.79
CA ILE A 39 16.15 2.80 -5.99
CA ILE A 39 17.09 1.11 -5.67
C ILE A 39 15.96 3.39 -7.37
C ILE A 39 17.60 1.40 -7.08
N PRO A 40 16.68 2.96 -8.38
N PRO A 40 18.33 0.47 -7.71
CA PRO A 40 16.40 3.42 -9.73
CA PRO A 40 18.80 0.70 -9.07
C PRO A 40 15.00 3.00 -10.14
C PRO A 40 17.63 0.95 -10.00
N VAL A 41 14.37 3.81 -10.97
N VAL A 41 17.93 1.62 -11.11
CA VAL A 41 13.07 3.43 -11.48
CA VAL A 41 16.87 2.00 -12.03
C VAL A 41 13.22 2.14 -12.27
C VAL A 41 16.10 0.78 -12.49
N GLY A 42 12.37 1.16 -11.98
N GLY A 42 14.78 0.87 -12.42
CA GLY A 42 12.45 -0.14 -12.60
CA GLY A 42 13.91 -0.19 -12.89
C GLY A 42 12.98 -1.23 -11.69
C GLY A 42 13.78 -1.35 -11.93
N GLU A 43 13.58 -0.87 -10.58
N GLU A 43 14.22 -1.16 -10.70
CA GLU A 43 14.17 -1.83 -9.67
CA GLU A 43 14.42 -2.21 -9.71
C GLU A 43 13.30 -1.97 -8.44
C GLU A 43 13.40 -2.08 -8.59
N VAL A 44 13.30 -3.14 -7.82
CA VAL A 44 12.48 -3.29 -6.65
C VAL A 44 13.31 -3.85 -5.53
N ARG A 45 13.06 -3.33 -4.33
N ARG A 45 13.11 -3.35 -4.33
CA ARG A 45 13.66 -3.78 -3.08
CA ARG A 45 13.75 -3.97 -3.19
C ARG A 45 12.59 -4.43 -2.21
C ARG A 45 12.69 -4.40 -2.19
N LEU A 46 13.01 -5.45 -1.46
CA LEU A 46 12.17 -5.98 -0.40
C LEU A 46 12.82 -5.65 0.93
N TYR A 47 12.00 -5.50 1.95
CA TYR A 47 12.47 -5.20 3.29
C TYR A 47 11.72 -6.08 4.26
N GLN A 48 12.43 -6.87 5.04
CA GLN A 48 11.78 -7.73 6.01
C GLN A 48 11.23 -6.92 7.16
N ILE A 49 9.93 -7.00 7.37
CA ILE A 49 9.26 -6.26 8.43
C ILE A 49 9.13 -7.10 9.68
N ALA A 50 8.77 -8.36 9.50
CA ALA A 50 8.53 -9.30 10.59
C ALA A 50 8.59 -10.68 9.98
N ASP A 51 8.48 -11.71 10.81
CA ASP A 51 8.44 -13.06 10.27
CA ASP A 51 8.43 -13.05 10.27
C ASP A 51 7.27 -13.18 9.30
N GLY A 52 7.58 -13.55 8.06
CA GLY A 52 6.54 -13.72 7.08
C GLY A 52 5.93 -12.45 6.56
N VAL A 53 6.55 -11.30 6.79
CA VAL A 53 6.03 -10.04 6.32
C VAL A 53 7.17 -9.21 5.75
N TRP A 54 7.02 -8.77 4.51
CA TRP A 54 7.97 -7.89 3.86
C TRP A 54 7.21 -6.69 3.34
N SER A 55 7.89 -5.56 3.22
CA SER A 55 7.42 -4.53 2.32
C SER A 55 8.20 -4.65 1.01
N HIS A 56 7.60 -4.13 -0.05
CA HIS A 56 8.28 -3.93 -1.31
C HIS A 56 8.33 -2.44 -1.59
N ILE A 57 9.43 -2.02 -2.18
CA ILE A 57 9.69 -0.61 -2.44
C ILE A 57 10.15 -0.49 -3.87
N ALA A 58 9.54 0.45 -4.58
CA ALA A 58 9.92 0.74 -5.95
C ALA A 58 9.81 2.24 -6.16
N THR A 59 10.27 2.71 -7.27
N THR A 59 10.34 2.69 -7.31
CA THR A 59 10.13 4.12 -7.54
CA THR A 59 10.48 4.08 -7.71
C THR A 59 9.56 4.27 -8.92
C THR A 59 9.71 4.32 -9.01
N GLN A 60 8.96 5.42 -9.12
CA GLN A 60 8.29 5.70 -10.37
C GLN A 60 8.28 7.20 -10.58
N SER A 61 8.25 7.56 -11.85
N SER A 61 8.28 7.60 -11.83
CA SER A 61 8.10 8.93 -12.32
CA SER A 61 8.12 9.01 -12.14
C SER A 61 6.62 9.24 -12.45
C SER A 61 6.69 9.30 -12.51
N PHE A 62 6.23 10.44 -12.06
CA PHE A 62 4.87 10.88 -12.23
C PHE A 62 4.91 12.40 -12.36
N ASP A 63 4.40 12.94 -13.46
CA ASP A 63 4.39 14.38 -13.68
C ASP A 63 5.78 14.98 -13.47
N GLY A 64 6.78 14.25 -13.90
CA GLY A 64 8.13 14.79 -13.92
C GLY A 64 8.85 14.81 -12.60
N ALA A 65 8.38 14.06 -11.63
CA ALA A 65 9.12 13.88 -10.39
C ALA A 65 9.13 12.39 -10.07
N VAL A 66 10.11 11.99 -9.28
CA VAL A 66 10.30 10.59 -8.92
C VAL A 66 9.88 10.38 -7.47
N TYR A 67 9.12 9.33 -7.25
CA TYR A 67 8.58 9.03 -5.95
C TYR A 67 8.82 7.57 -5.61
N PRO A 68 9.09 7.27 -4.35
CA PRO A 68 9.05 5.88 -3.89
C PRO A 68 7.62 5.50 -3.57
N SER A 69 7.41 4.20 -3.43
N SER A 69 7.37 4.20 -3.52
CA SER A 69 6.11 3.67 -3.06
CA SER A 69 6.13 3.72 -2.96
C SER A 69 6.28 2.29 -2.46
C SER A 69 6.34 2.34 -2.39
N ASN A 70 5.47 1.99 -1.45
CA ASN A 70 5.52 0.72 -0.76
C ASN A 70 4.36 -0.17 -1.16
N GLY A 71 4.57 -1.46 -0.98
CA GLY A 71 3.53 -2.44 -0.86
C GLY A 71 3.91 -3.46 0.18
N LEU A 72 3.14 -4.53 0.27
CA LEU A 72 3.33 -5.54 1.31
C LEU A 72 3.35 -6.93 0.67
N ILE A 73 4.06 -7.84 1.32
CA ILE A 73 4.06 -9.24 0.96
C ILE A 73 3.88 -10.00 2.25
N VAL A 74 2.92 -10.91 2.29
CA VAL A 74 2.64 -11.67 3.50
C VAL A 74 2.66 -13.15 3.16
N ARG A 75 3.48 -13.89 3.89
N ARG A 75 3.46 -13.90 3.89
CA ARG A 75 3.53 -15.33 3.72
CA ARG A 75 3.51 -15.33 3.66
C ARG A 75 2.16 -15.93 4.05
C ARG A 75 2.19 -15.97 4.07
N ASP A 76 1.72 -16.86 3.20
CA ASP A 76 0.39 -17.44 3.23
C ASP A 76 0.62 -18.93 3.03
N GLY A 77 1.15 -19.57 4.07
CA GLY A 77 1.59 -20.95 3.97
C GLY A 77 2.82 -21.12 3.10
N ASP A 78 2.65 -21.87 2.02
CA ASP A 78 3.67 -22.00 0.99
C ASP A 78 3.36 -21.12 -0.23
N GLU A 79 2.50 -20.13 -0.05
CA GLU A 79 2.20 -19.13 -1.05
C GLU A 79 2.41 -17.75 -0.45
N LEU A 80 2.31 -16.73 -1.29
CA LEU A 80 2.40 -15.36 -0.86
C LEU A 80 1.17 -14.57 -1.27
N LEU A 81 0.74 -13.70 -0.37
CA LEU A 81 -0.25 -12.67 -0.64
C LEU A 81 0.48 -11.36 -0.87
N LEU A 82 0.17 -10.71 -1.98
CA LEU A 82 0.72 -9.41 -2.33
C LEU A 82 -0.29 -8.32 -2.04
N ILE A 83 0.15 -7.24 -1.41
CA ILE A 83 -0.65 -6.05 -1.25
C ILE A 83 -0.01 -4.94 -2.08
N ASP A 84 -0.74 -4.53 -3.11
CA ASP A 84 -0.40 -3.43 -4.01
C ASP A 84 0.69 -3.81 -4.99
N THR A 85 0.55 -3.24 -6.18
CA THR A 85 1.57 -3.36 -7.19
C THR A 85 2.77 -2.50 -6.83
N ALA A 86 3.80 -2.57 -7.69
CA ALA A 86 4.99 -1.76 -7.52
C ALA A 86 4.96 -0.48 -8.38
N TRP A 87 3.77 -0.04 -8.77
CA TRP A 87 3.56 1.23 -9.48
C TRP A 87 4.15 1.15 -10.88
N GLY A 88 3.50 0.36 -11.70
CA GLY A 88 3.83 0.23 -13.09
C GLY A 88 4.05 -1.20 -13.51
N ALA A 89 3.87 -1.43 -14.80
CA ALA A 89 4.02 -2.77 -15.34
C ALA A 89 5.44 -3.29 -15.18
N LYS A 90 6.42 -2.54 -15.66
N LYS A 90 6.42 -2.52 -15.62
CA LYS A 90 7.79 -3.01 -15.56
CA LYS A 90 7.77 -3.05 -15.54
C LYS A 90 8.18 -3.18 -14.09
C LYS A 90 8.25 -3.14 -14.10
N ASN A 91 7.85 -2.21 -13.24
CA ASN A 91 8.20 -2.32 -11.85
C ASN A 91 7.58 -3.59 -11.25
N THR A 92 6.36 -3.90 -11.63
CA THR A 92 5.68 -5.05 -11.07
C THR A 92 6.28 -6.35 -11.56
N ALA A 93 6.70 -6.41 -12.84
CA ALA A 93 7.46 -7.56 -13.28
C ALA A 93 8.74 -7.69 -12.48
N ALA A 94 9.41 -6.58 -12.21
CA ALA A 94 10.63 -6.62 -11.42
C ALA A 94 10.35 -7.07 -9.99
N LEU A 95 9.19 -6.67 -9.45
CA LEU A 95 8.78 -7.12 -8.13
C LEU A 95 8.66 -8.64 -8.10
N LEU A 96 7.98 -9.21 -9.08
CA LEU A 96 7.84 -10.65 -9.10
C LEU A 96 9.19 -11.33 -9.16
N ALA A 97 10.11 -10.79 -9.95
CA ALA A 97 11.43 -11.38 -10.04
C ALA A 97 12.17 -11.26 -8.73
N GLU A 98 12.04 -10.14 -8.05
CA GLU A 98 12.71 -9.95 -6.78
C GLU A 98 12.15 -10.88 -5.72
N ILE A 99 10.84 -11.08 -5.73
CA ILE A 99 10.23 -12.05 -4.83
C ILE A 99 10.78 -13.45 -5.09
N GLU A 100 10.91 -13.83 -6.35
CA GLU A 100 11.42 -15.15 -6.63
C GLU A 100 12.86 -15.29 -6.13
N LYS A 101 13.65 -14.25 -6.31
CA LYS A 101 15.03 -14.26 -5.87
C LYS A 101 15.14 -14.34 -4.36
N GLN A 102 14.35 -13.56 -3.63
CA GLN A 102 14.55 -13.38 -2.20
C GLN A 102 13.72 -14.32 -1.36
N ILE A 103 12.59 -14.76 -1.86
CA ILE A 103 11.62 -15.53 -1.09
C ILE A 103 11.37 -16.88 -1.72
N GLY A 104 11.10 -16.90 -3.01
CA GLY A 104 11.00 -18.16 -3.72
C GLY A 104 9.71 -18.90 -3.54
N LEU A 105 8.65 -18.24 -3.11
CA LEU A 105 7.33 -18.80 -3.01
C LEU A 105 6.44 -18.06 -3.99
N PRO A 106 5.43 -18.72 -4.51
CA PRO A 106 4.62 -18.10 -5.55
C PRO A 106 3.64 -17.09 -4.97
N VAL A 107 3.53 -15.96 -5.66
CA VAL A 107 2.47 -15.01 -5.38
C VAL A 107 1.20 -15.54 -6.02
N THR A 108 0.18 -15.80 -5.21
CA THR A 108 -1.04 -16.37 -5.76
C THR A 108 -2.20 -15.40 -5.76
N ARG A 109 -2.20 -14.39 -4.90
CA ARG A 109 -3.27 -13.44 -4.80
C ARG A 109 -2.67 -12.08 -4.53
N ALA A 110 -3.34 -11.05 -5.00
CA ALA A 110 -2.97 -9.67 -4.73
C ALA A 110 -4.21 -8.88 -4.41
N VAL A 111 -4.06 -7.93 -3.49
CA VAL A 111 -5.10 -6.98 -3.16
C VAL A 111 -4.54 -5.61 -3.43
N SER A 112 -5.31 -4.76 -4.12
CA SER A 112 -4.95 -3.37 -4.31
C SER A 112 -5.79 -2.53 -3.37
N THR A 113 -5.12 -1.62 -2.65
CA THR A 113 -5.76 -0.91 -1.54
C THR A 113 -6.41 0.41 -1.95
N HIS A 114 -6.18 0.90 -3.16
CA HIS A 114 -7.04 1.91 -3.76
C HIS A 114 -6.76 1.92 -5.24
N PHE A 115 -7.42 2.84 -5.95
CA PHE A 115 -7.47 2.76 -7.40
C PHE A 115 -6.33 3.42 -8.15
N HIS A 116 -5.46 4.13 -7.46
CA HIS A 116 -4.39 4.86 -8.13
C HIS A 116 -3.35 3.90 -8.69
N ASP A 117 -2.57 4.43 -9.63
CA ASP A 117 -1.60 3.61 -10.36
C ASP A 117 -0.52 3.03 -9.47
N ASP A 118 -0.21 3.65 -8.35
CA ASP A 118 0.76 3.08 -7.43
C ASP A 118 0.22 1.87 -6.67
N ARG A 119 -1.03 1.55 -6.89
CA ARG A 119 -1.69 0.41 -6.26
C ARG A 119 -2.15 -0.63 -7.25
N VAL A 120 -2.62 -0.19 -8.43
CA VAL A 120 -3.14 -1.10 -9.45
C VAL A 120 -2.27 -1.15 -10.69
N GLY A 121 -1.33 -0.24 -10.89
CA GLY A 121 -0.56 -0.26 -12.10
C GLY A 121 0.41 -1.41 -12.03
N GLY A 122 0.22 -2.41 -12.88
CA GLY A 122 0.87 -3.68 -12.72
C GLY A 122 -0.07 -4.83 -12.53
N VAL A 123 -1.36 -4.55 -12.32
CA VAL A 123 -2.33 -5.62 -12.19
C VAL A 123 -2.38 -6.50 -13.43
N ASP A 124 -2.23 -5.92 -14.61
CA ASP A 124 -2.26 -6.76 -15.81
C ASP A 124 -1.06 -7.70 -15.81
N VAL A 125 0.11 -7.21 -15.43
CA VAL A 125 1.28 -8.07 -15.29
C VAL A 125 1.01 -9.19 -14.31
N LEU A 126 0.43 -8.86 -13.16
CA LEU A 126 0.12 -9.88 -12.16
C LEU A 126 -0.82 -10.92 -12.72
N ARG A 127 -1.87 -10.45 -13.41
N ARG A 127 -1.90 -10.47 -13.35
CA ARG A 127 -2.90 -11.32 -13.93
CA ARG A 127 -2.88 -11.44 -13.84
C ARG A 127 -2.35 -12.30 -14.97
C ARG A 127 -2.23 -12.39 -14.84
N ALA A 128 -1.33 -11.90 -15.71
CA ALA A 128 -0.66 -12.74 -16.69
C ALA A 128 0.41 -13.63 -16.07
N ALA A 129 0.78 -13.38 -14.82
CA ALA A 129 1.70 -14.22 -14.07
C ALA A 129 0.96 -15.15 -13.11
N GLY A 130 -0.35 -15.35 -13.35
CA GLY A 130 -1.13 -16.30 -12.59
C GLY A 130 -1.61 -15.80 -11.26
N VAL A 131 -1.48 -14.54 -10.98
CA VAL A 131 -1.90 -13.99 -9.71
C VAL A 131 -3.35 -13.58 -9.83
N ALA A 132 -4.16 -14.00 -8.89
CA ALA A 132 -5.55 -13.56 -8.81
C ALA A 132 -5.59 -12.21 -8.12
N THR A 133 -6.15 -11.22 -8.80
CA THR A 133 -6.14 -9.84 -8.32
C THR A 133 -7.51 -9.43 -7.79
N TYR A 134 -7.47 -8.72 -6.68
CA TYR A 134 -8.65 -8.34 -5.93
C TYR A 134 -8.62 -6.87 -5.55
N ALA A 135 -9.80 -6.29 -5.44
CA ALA A 135 -9.97 -4.97 -4.87
C ALA A 135 -11.43 -4.81 -4.51
N SER A 136 -11.74 -3.80 -3.71
CA SER A 136 -13.13 -3.54 -3.43
C SER A 136 -13.86 -3.14 -4.69
N PRO A 137 -15.18 -3.29 -4.71
CA PRO A 137 -15.94 -2.79 -5.86
C PRO A 137 -15.76 -1.31 -6.07
N SER A 138 -15.60 -0.55 -4.99
N SER A 138 -15.64 -0.53 -4.99
CA SER A 138 -15.38 0.88 -5.12
CA SER A 138 -15.38 0.88 -5.15
C SER A 138 -14.07 1.15 -5.86
C SER A 138 -14.09 1.10 -5.92
N THR A 139 -13.02 0.44 -5.48
CA THR A 139 -11.75 0.59 -6.17
C THR A 139 -11.87 0.18 -7.62
N ARG A 140 -12.54 -0.93 -7.89
CA ARG A 140 -12.64 -1.39 -9.26
C ARG A 140 -13.38 -0.38 -10.13
N ARG A 141 -14.44 0.22 -9.59
N ARG A 141 -14.46 0.20 -9.60
CA ARG A 141 -15.20 1.20 -10.34
CA ARG A 141 -15.18 1.20 -10.38
C ARG A 141 -14.39 2.46 -10.60
C ARG A 141 -14.28 2.39 -10.65
N LEU A 142 -13.61 2.88 -9.62
CA LEU A 142 -12.80 4.08 -9.78
C LEU A 142 -11.66 3.82 -10.74
N ALA A 143 -11.02 2.65 -10.64
CA ALA A 143 -9.96 2.32 -11.57
C ALA A 143 -10.48 2.29 -13.00
N GLU A 144 -11.62 1.65 -13.21
CA GLU A 144 -12.19 1.60 -14.54
C GLU A 144 -12.48 2.99 -15.07
N ALA A 145 -13.10 3.83 -14.25
CA ALA A 145 -13.49 5.15 -14.72
C ALA A 145 -12.27 5.99 -15.04
N GLU A 146 -11.18 5.81 -14.30
CA GLU A 146 -9.95 6.56 -14.48
C GLU A 146 -9.07 6.04 -15.60
N GLY A 147 -9.34 4.85 -16.11
CA GLY A 147 -8.47 4.27 -17.09
C GLY A 147 -7.27 3.57 -16.51
N ASN A 148 -7.35 3.15 -15.25
CA ASN A 148 -6.29 2.39 -14.63
C ASN A 148 -6.57 0.91 -14.75
N GLU A 149 -5.56 0.11 -14.46
CA GLU A 149 -5.75 -1.35 -14.53
C GLU A 149 -6.71 -1.79 -13.45
N ILE A 150 -7.45 -2.84 -13.76
CA ILE A 150 -8.62 -3.18 -12.97
C ILE A 150 -8.43 -4.58 -12.38
N PRO A 151 -8.34 -4.71 -11.08
CA PRO A 151 -8.30 -6.05 -10.46
C PRO A 151 -9.49 -6.88 -10.87
N THR A 152 -9.31 -8.19 -10.93
CA THR A 152 -10.35 -9.07 -11.46
C THR A 152 -11.50 -9.26 -10.49
N HIS A 153 -11.23 -9.43 -9.22
CA HIS A 153 -12.19 -9.92 -8.27
C HIS A 153 -12.58 -8.83 -7.29
N SER A 154 -13.85 -8.78 -6.97
CA SER A 154 -14.40 -7.78 -6.06
C SER A 154 -14.40 -8.29 -4.63
N LEU A 155 -13.96 -7.44 -3.72
CA LEU A 155 -13.96 -7.70 -2.29
C LEU A 155 -15.18 -7.06 -1.68
N GLU A 156 -16.19 -7.86 -1.43
CA GLU A 156 -17.41 -7.40 -0.76
C GLU A 156 -17.14 -7.31 0.74
N GLY A 157 -18.10 -6.73 1.43
CA GLY A 157 -18.01 -6.67 2.86
C GLY A 157 -17.17 -5.57 3.41
N LEU A 158 -16.82 -4.60 2.58
CA LEU A 158 -15.93 -3.50 2.94
C LEU A 158 -16.52 -2.13 2.62
N SER A 159 -17.81 -2.04 2.36
CA SER A 159 -18.35 -0.82 1.83
C SER A 159 -18.69 0.21 2.90
N SER A 160 -18.75 -0.16 4.17
N SER A 160 -18.72 -0.18 4.17
CA SER A 160 -19.06 0.78 5.22
CA SER A 160 -19.08 0.68 5.28
C SER A 160 -17.85 0.99 6.12
C SER A 160 -17.85 0.95 6.13
N SER A 161 -17.56 2.23 6.46
N SER A 161 -17.70 2.20 6.57
CA SER A 161 -16.40 2.47 7.30
CA SER A 161 -16.57 2.53 7.42
C SER A 161 -16.52 1.65 8.57
C SER A 161 -16.57 1.65 8.65
N GLY A 162 -15.39 1.12 9.01
CA GLY A 162 -15.31 0.19 10.09
C GLY A 162 -15.42 -1.26 9.68
N ASP A 163 -15.78 -1.54 8.43
CA ASP A 163 -15.89 -2.91 7.99
C ASP A 163 -14.53 -3.57 7.93
N ALA A 164 -14.52 -4.85 8.23
CA ALA A 164 -13.32 -5.65 8.18
C ALA A 164 -13.68 -7.02 7.63
N VAL A 165 -12.77 -7.60 6.86
CA VAL A 165 -12.90 -8.95 6.35
C VAL A 165 -11.55 -9.63 6.42
N ARG A 166 -11.56 -10.94 6.52
CA ARG A 166 -10.33 -11.70 6.46
C ARG A 166 -10.00 -12.07 5.02
N PHE A 167 -8.72 -12.05 4.72
CA PHE A 167 -8.23 -12.41 3.39
C PHE A 167 -6.89 -13.10 3.60
N GLY A 168 -6.90 -14.42 3.57
CA GLY A 168 -5.69 -15.13 3.88
C GLY A 168 -5.17 -14.72 5.23
N PRO A 169 -3.86 -14.43 5.31
CA PRO A 169 -3.22 -14.10 6.58
C PRO A 169 -3.41 -12.66 7.03
N VAL A 170 -4.27 -11.89 6.37
CA VAL A 170 -4.48 -10.52 6.77
C VAL A 170 -5.95 -10.26 7.04
N GLU A 171 -6.17 -9.12 7.69
CA GLU A 171 -7.46 -8.50 7.78
C GLU A 171 -7.44 -7.24 6.94
N LEU A 172 -8.46 -7.07 6.13
CA LEU A 172 -8.68 -5.86 5.35
C LEU A 172 -9.68 -5.01 6.09
N PHE A 173 -9.44 -3.71 6.16
CA PHE A 173 -10.24 -2.79 6.94
C PHE A 173 -10.51 -1.56 6.11
N TYR A 174 -11.76 -1.14 6.05
CA TYR A 174 -12.11 0.08 5.36
C TYR A 174 -12.31 1.16 6.41
N PRO A 175 -11.42 2.14 6.52
CA PRO A 175 -11.52 3.10 7.62
C PRO A 175 -12.42 4.27 7.33
N GLY A 176 -12.89 4.41 6.10
CA GLY A 176 -13.53 5.61 5.63
C GLY A 176 -12.63 6.36 4.67
N ALA A 177 -13.20 7.40 4.10
CA ALA A 177 -12.47 8.19 3.12
C ALA A 177 -11.30 8.90 3.77
N ALA A 178 -10.20 8.96 3.04
CA ALA A 178 -8.99 9.58 3.57
C ALA A 178 -8.19 10.12 2.40
N HIS A 179 -7.08 9.45 2.07
CA HIS A 179 -6.35 9.75 0.86
C HIS A 179 -7.21 9.60 -0.38
N SER A 180 -8.09 8.60 -0.37
CA SER A 180 -9.08 8.40 -1.41
C SER A 180 -10.34 7.88 -0.74
N THR A 181 -11.44 7.83 -1.47
N THR A 181 -11.43 7.85 -1.49
CA THR A 181 -12.66 7.36 -0.85
CA THR A 181 -12.70 7.40 -0.95
C THR A 181 -12.64 5.87 -0.63
C THR A 181 -12.74 5.89 -0.76
N ASP A 182 -11.85 5.16 -1.43
CA ASP A 182 -11.83 3.71 -1.42
C ASP A 182 -10.69 3.10 -0.64
N ASN A 183 -9.84 3.90 -0.01
CA ASN A 183 -8.62 3.35 0.54
C ASN A 183 -8.91 2.30 1.62
N LEU A 184 -8.20 1.19 1.51
CA LEU A 184 -8.22 0.12 2.49
C LEU A 184 -6.92 0.09 3.26
N VAL A 185 -7.03 -0.51 4.44
N VAL A 185 -6.98 -0.36 4.51
CA VAL A 185 -5.94 -0.74 5.39
CA VAL A 185 -5.76 -0.69 5.23
C VAL A 185 -5.81 -2.24 5.57
C VAL A 185 -5.76 -2.19 5.48
N VAL A 186 -4.58 -2.69 5.80
CA VAL A 186 -4.33 -4.12 5.92
C VAL A 186 -3.61 -4.37 7.23
N TYR A 187 -4.10 -5.31 8.01
CA TYR A 187 -3.46 -5.71 9.26
C TYR A 187 -3.02 -7.15 9.16
N VAL A 188 -1.81 -7.42 9.63
CA VAL A 188 -1.28 -8.77 9.69
C VAL A 188 -1.31 -9.19 11.16
N PRO A 189 -2.32 -9.93 11.59
CA PRO A 189 -2.46 -10.17 13.03
C PRO A 189 -1.32 -10.96 13.62
N SER A 190 -0.69 -11.86 12.85
CA SER A 190 0.38 -12.69 13.40
C SER A 190 1.56 -11.85 13.86
N ALA A 191 1.73 -10.67 13.25
CA ALA A 191 2.89 -9.83 13.48
C ALA A 191 2.53 -8.46 13.99
N ASN A 192 1.26 -8.16 14.17
CA ASN A 192 0.81 -6.84 14.55
C ASN A 192 1.37 -5.77 13.63
N VAL A 193 1.34 -6.05 12.33
CA VAL A 193 1.79 -5.08 11.33
C VAL A 193 0.57 -4.43 10.71
N LEU A 194 0.56 -3.11 10.75
CA LEU A 194 -0.49 -2.32 10.14
C LEU A 194 0.06 -1.66 8.89
N TYR A 195 -0.45 -2.06 7.77
CA TYR A 195 -0.12 -1.46 6.48
C TYR A 195 -1.21 -0.44 6.19
N GLY A 196 -0.85 0.82 6.35
CA GLY A 196 -1.84 1.86 6.17
C GLY A 196 -2.11 2.27 4.76
N GLY A 197 -1.26 1.87 3.85
CA GLY A 197 -1.36 2.38 2.52
C GLY A 197 -1.34 3.89 2.51
N CYS A 198 -1.91 4.50 1.48
CA CYS A 198 -1.70 5.93 1.28
C CYS A 198 -2.54 6.78 2.21
N ALA A 199 -3.44 6.19 2.98
CA ALA A 199 -4.10 6.87 4.08
C ALA A 199 -3.18 7.21 5.23
N VAL A 200 -1.97 6.66 5.24
CA VAL A 200 -1.01 6.88 6.30
C VAL A 200 0.27 7.38 5.70
N HIS A 201 0.80 8.44 6.30
N HIS A 201 0.80 8.45 6.29
CA HIS A 201 2.01 9.09 5.85
CA HIS A 201 2.04 9.07 5.88
C HIS A 201 3.16 8.84 6.82
C HIS A 201 3.17 8.71 6.81
N GLU A 202 4.37 8.87 6.26
CA GLU A 202 5.56 8.67 7.06
C GLU A 202 5.82 9.87 7.96
N LEU A 203 6.61 9.65 8.97
CA LEU A 203 6.86 10.69 9.98
C LEU A 203 7.54 11.92 9.41
N SER A 204 8.36 11.79 8.38
CA SER A 204 9.02 12.98 7.84
C SER A 204 8.10 13.82 6.96
N SER A 205 6.90 13.33 6.70
N SER A 205 6.90 13.34 6.68
CA SER A 205 5.97 14.05 5.84
CA SER A 205 5.98 14.05 5.81
C SER A 205 5.70 15.43 6.41
C SER A 205 5.68 15.42 6.39
N THR A 206 5.91 16.43 5.58
CA THR A 206 5.56 17.80 5.90
C THR A 206 4.36 18.25 5.10
N SER A 207 3.87 17.39 4.23
N SER A 207 3.88 17.38 4.21
CA SER A 207 2.73 17.68 3.39
CA SER A 207 2.73 17.68 3.38
C SER A 207 1.91 16.40 3.27
C SER A 207 1.91 16.40 3.31
N ALA A 208 0.67 16.56 2.90
CA ALA A 208 -0.26 15.46 2.84
C ALA A 208 -0.12 14.63 1.56
N GLY A 209 1.02 14.69 0.86
CA GLY A 209 1.18 13.90 -0.34
C GLY A 209 0.27 14.36 -1.46
N ASN A 210 -0.13 13.41 -2.30
CA ASN A 210 -1.02 13.73 -3.40
C ASN A 210 -2.45 13.64 -2.92
N VAL A 211 -3.08 14.80 -2.74
CA VAL A 211 -4.40 14.89 -2.14
C VAL A 211 -5.48 15.07 -3.20
N ALA A 212 -5.15 14.82 -4.47
CA ALA A 212 -6.11 15.12 -5.53
C ALA A 212 -7.45 14.46 -5.28
N ASP A 213 -7.47 13.23 -4.79
CA ASP A 213 -8.69 12.46 -4.59
C ASP A 213 -9.06 12.30 -3.14
N ALA A 214 -8.46 13.09 -2.26
CA ALA A 214 -8.62 12.94 -0.84
C ALA A 214 -9.89 13.62 -0.33
N ASP A 215 -10.27 13.20 0.88
CA ASP A 215 -11.30 13.87 1.66
C ASP A 215 -10.59 14.38 2.92
N LEU A 216 -10.09 15.61 2.86
CA LEU A 216 -9.30 16.13 3.97
C LEU A 216 -10.14 16.25 5.24
N ALA A 217 -11.44 16.52 5.10
CA ALA A 217 -12.31 16.67 6.26
C ALA A 217 -12.55 15.33 6.95
N GLU A 218 -12.69 14.25 6.19
CA GLU A 218 -12.98 12.95 6.76
C GLU A 218 -11.72 12.22 7.18
N TRP A 219 -10.58 12.59 6.59
CA TRP A 219 -9.34 11.84 6.82
C TRP A 219 -9.01 11.67 8.29
N PRO A 220 -9.03 12.70 9.13
N PRO A 220 -9.03 12.71 9.12
CA PRO A 220 -8.70 12.44 10.53
CA PRO A 220 -8.72 12.48 10.54
C PRO A 220 -9.67 11.50 11.21
C PRO A 220 -9.67 11.50 11.20
N THR A 221 -10.96 11.55 10.85
CA THR A 221 -11.91 10.61 11.42
C THR A 221 -11.59 9.19 10.99
N SER A 222 -11.21 9.01 9.74
CA SER A 222 -10.82 7.70 9.28
C SER A 222 -9.56 7.21 9.96
N VAL A 223 -8.58 8.09 10.18
CA VAL A 223 -7.39 7.69 10.93
C VAL A 223 -7.75 7.32 12.36
N GLU A 224 -8.66 8.08 12.99
N GLU A 224 -8.65 8.09 12.99
CA GLU A 224 -9.10 7.75 14.33
CA GLU A 224 -9.09 7.74 14.34
C GLU A 224 -9.71 6.36 14.37
C GLU A 224 -9.69 6.35 14.36
N ARG A 225 -10.44 5.98 13.31
CA ARG A 225 -10.99 4.64 13.26
C ARG A 225 -9.90 3.59 13.22
N ILE A 226 -8.84 3.85 12.45
CA ILE A 226 -7.72 2.92 12.41
C ILE A 226 -7.09 2.81 13.78
N GLN A 227 -6.83 3.96 14.42
CA GLN A 227 -6.22 3.96 15.75
C GLN A 227 -7.04 3.16 16.74
N LYS A 228 -8.36 3.29 16.69
CA LYS A 228 -9.23 2.58 17.61
C LYS A 228 -9.23 1.10 17.32
N HIS A 229 -9.20 0.74 16.04
CA HIS A 229 -9.34 -0.65 15.66
C HIS A 229 -8.06 -1.46 15.85
N TYR A 230 -6.90 -0.81 15.76
CA TYR A 230 -5.62 -1.54 15.79
C TYR A 230 -4.69 -0.95 16.83
N PRO A 231 -5.11 -0.99 18.09
CA PRO A 231 -4.31 -0.37 19.14
C PRO A 231 -3.04 -1.14 19.46
N GLU A 232 -2.94 -2.38 19.01
N GLU A 232 -2.93 -2.39 19.01
CA GLU A 232 -1.77 -3.21 19.28
CA GLU A 232 -1.75 -3.20 19.29
C GLU A 232 -0.78 -3.22 18.13
C GLU A 232 -0.78 -3.22 18.13
N ALA A 233 -0.99 -2.40 17.11
CA ALA A 233 -0.05 -2.37 16.02
C ALA A 233 1.34 -2.02 16.52
N GLU A 234 2.32 -2.77 16.04
CA GLU A 234 3.71 -2.56 16.39
C GLU A 234 4.53 -1.89 15.31
N VAL A 235 4.19 -2.16 14.07
CA VAL A 235 4.81 -1.55 12.91
C VAL A 235 3.66 -0.97 12.09
N VAL A 236 3.82 0.27 11.67
CA VAL A 236 2.90 0.94 10.77
C VAL A 236 3.66 1.30 9.52
N ILE A 237 3.14 0.88 8.39
CA ILE A 237 3.79 1.09 7.09
C ILE A 237 2.94 2.06 6.29
N PRO A 238 3.52 3.18 5.86
CA PRO A 238 2.79 4.14 5.04
C PRO A 238 2.80 3.69 3.58
N GLY A 239 1.96 4.32 2.78
CA GLY A 239 1.94 4.02 1.36
C GLY A 239 3.21 4.42 0.65
N HIS A 240 3.87 5.44 1.15
CA HIS A 240 5.11 5.95 0.62
C HIS A 240 5.98 6.27 1.82
N GLY A 241 7.22 5.82 1.82
CA GLY A 241 8.17 6.23 2.84
C GLY A 241 8.38 5.21 3.94
N LEU A 242 8.98 5.68 5.02
CA LEU A 242 9.55 4.80 6.02
C LEU A 242 8.50 4.27 6.99
N PRO A 243 8.53 2.97 7.30
CA PRO A 243 7.72 2.46 8.40
C PRO A 243 8.15 3.04 9.72
N GLY A 244 7.23 2.99 10.66
CA GLY A 244 7.51 3.35 12.04
C GLY A 244 6.51 2.67 12.91
N GLY A 245 6.15 3.34 14.00
CA GLY A 245 5.17 2.85 14.94
C GLY A 245 3.84 3.55 14.81
N LEU A 246 3.02 3.42 15.86
CA LEU A 246 1.67 3.96 15.86
C LEU A 246 1.67 5.46 15.66
N ASP A 247 2.77 6.15 15.96
CA ASP A 247 2.79 7.59 15.80
C ASP A 247 2.57 8.03 14.37
N LEU A 248 2.82 7.17 13.37
CA LEU A 248 2.51 7.57 12.02
C LEU A 248 1.04 7.94 11.89
N LEU A 249 0.17 7.27 12.62
CA LEU A 249 -1.25 7.59 12.51
C LEU A 249 -1.54 9.00 13.00
N GLN A 250 -1.10 9.34 14.19
CA GLN A 250 -1.37 10.67 14.69
C GLN A 250 -0.68 11.72 13.84
N HIS A 251 0.54 11.43 13.39
CA HIS A 251 1.24 12.38 12.54
C HIS A 251 0.44 12.65 11.28
N THR A 252 -0.10 11.59 10.67
CA THR A 252 -0.89 11.75 9.47
C THR A 252 -2.06 12.67 9.73
N ALA A 253 -2.81 12.41 10.81
CA ALA A 253 -3.95 13.25 11.13
C ALA A 253 -3.49 14.68 11.30
N ASN A 254 -2.37 14.89 11.97
CA ASN A 254 -1.89 16.24 12.18
C ASN A 254 -1.59 16.93 10.87
N VAL A 255 -0.85 16.26 9.97
CA VAL A 255 -0.45 16.89 8.72
C VAL A 255 -1.65 17.18 7.85
N VAL A 256 -2.61 16.28 7.82
CA VAL A 256 -3.77 16.49 6.99
C VAL A 256 -4.59 17.65 7.51
N LYS A 257 -4.77 17.74 8.84
CA LYS A 257 -5.50 18.88 9.40
C LYS A 257 -4.80 20.19 9.08
N ALA A 258 -3.48 20.19 9.21
CA ALA A 258 -2.71 21.41 8.97
C ALA A 258 -2.74 21.78 7.49
N HIS A 259 -2.68 20.78 6.61
CA HIS A 259 -2.79 21.05 5.18
C HIS A 259 -4.12 21.71 4.87
N LYS A 260 -5.21 21.12 5.37
CA LYS A 260 -6.52 21.70 5.17
C LYS A 260 -6.61 23.10 5.75
N ASN A 261 -5.96 23.34 6.90
CA ASN A 261 -5.93 24.66 7.51
C ASN A 261 -5.24 25.66 6.58
ZN ZN B . -3.28 7.33 -4.13
ZN ZN C . -0.04 6.75 -2.82
C10 YSR D . 1.98 10.72 -3.85
C11 YSR D . 3.02 11.43 -3.05
C12 YSR D . 3.87 10.73 -2.24
C13 YSR D . 4.88 11.40 -1.60
C14 YSR D . 5.81 10.64 -0.69
C16 YSR D . 5.04 12.76 -1.75
C19 YSR D . 8.08 15.02 -0.31
C01 YSR D . -0.37 7.84 -8.53
C02 YSR D . -0.61 8.76 -7.35
C03 YSR D . 0.59 9.62 -6.98
C04 YSR D . 0.92 9.84 -5.64
C06 YSR D . 0.95 9.90 -3.45
C07 YSR D . 0.39 9.69 -2.10
C22 YSR D . 4.19 13.47 -2.56
C23 YSR D . 3.21 12.77 -3.24
C24 YSR D . 1.99 10.67 -5.26
C25 YSR D . 2.78 11.26 -6.26
C26 YSR D . 2.46 11.03 -7.57
C27 YSR D . 1.37 10.24 -7.95
C29 YSR D . -2.24 10.23 -8.70
C30 YSR D . -3.32 11.06 -8.27
C31 YSR D . -4.28 11.95 -9.02
C33 YSR D . -4.77 13.06 -11.07
C34 YSR D . -5.51 11.93 -11.68
C36 YSR D . -4.51 10.97 -11.16
C38 YSR D . -2.52 10.12 -6.43
N05 YSR D . 0.33 9.37 -4.50
N15 YSR D . 6.51 10.06 -0.01
N17 YSR D . 6.11 13.32 -1.01
N28 YSR D . -1.76 9.62 -7.56
N32 YSR D . -3.88 12.07 -10.40
N35 YSR D . -6.80 11.75 -11.04
O08 YSR D . -0.24 8.66 -1.87
O09 YSR D . 0.45 10.64 -1.29
O20 YSR D . 5.55 15.81 -1.00
O21 YSR D . 6.92 15.20 -2.74
O37 YSR D . -3.52 10.97 -6.94
O39 YSR D . -2.43 9.84 -5.31
S18 YSR D . 6.61 14.85 -1.33
H121 YSR D . 3.75 9.66 -2.11
H193 YSR D . 8.80 15.68 -0.80
H191 YSR D . 8.54 14.05 -0.15
H192 YSR D . 7.80 15.45 0.66
H011 YSR D . 0.48 7.22 -8.33
H012 YSR D . -0.20 8.43 -9.42
H013 YSR D . -1.25 7.21 -8.67
H021 YSR D . -0.80 8.08 -6.53
H221 YSR D . 4.29 14.55 -2.67
H231 YSR D . 2.58 13.31 -3.93
H251 YSR D . 3.63 11.87 -5.99
H261 YSR D . 3.06 11.49 -8.34
H271 YSR D . 1.14 10.10 -9.00
H1 YSR D . -1.58 10.52 -9.52
H311 YSR D . -4.29 12.93 -8.57
H312 YSR D . -5.27 11.51 -8.99
H332 YSR D . -4.25 13.67 -11.79
H331 YSR D . -5.38 13.62 -10.36
H341 YSR D . -5.53 11.97 -12.76
H361 YSR D . -4.93 10.20 -10.53
H362 YSR D . -3.85 10.58 -11.94
H051 YSR D . -0.43 8.75 -4.47
H171 YSR D . 6.56 12.79 -0.29
H352 YSR D . -6.81 12.24 -10.15
H351 YSR D . -6.97 10.78 -10.90
#